data_4ELZ
#
_entry.id   4ELZ
#
_cell.length_a   53.505
_cell.length_b   94.590
_cell.length_c   120.502
_cell.angle_alpha   90.00
_cell.angle_beta   90.00
_cell.angle_gamma   90.00
#
_symmetry.space_group_name_H-M   'P 21 21 21'
#
loop_
_entity.id
_entity.type
_entity.pdbx_description
1 polymer 'DNA gyrase subunit A'
2 polymer CcdB
3 non-polymer GLYCEROL
4 water water
#
loop_
_entity_poly.entity_id
_entity_poly.type
_entity_poly.pdbx_seq_one_letter_code
_entity_poly.pdbx_strand_id
1 'polypeptide(L)'
;MGSSHHHHHHSSGLVPRGSHMTRRTIFELRKARDRAHILEGLALALANIDEIIELIKNAPTPAEAKEGLISRGWDLGNVA
SMLERAGTDAARPDWLEPEFGIREGKYFLTEQQAQAILELRLHRLTGLEHEKILDEYKALLDEIAELMHILAS
;
A,B
2 'polypeptide(L)'
;MSQFTLYKNKDKSSAKTYPYFVDVQSDLLDNLNTRLVIPLTPIELLDKKAPSHLCPTIHIDEGDFIMLTQQMTSVPVKIL
SEPVNELSTFRNEIIAAIDFLITGI
;
C,D
#
loop_
_chem_comp.id
_chem_comp.type
_chem_comp.name
_chem_comp.formula
GOL non-polymer GLYCEROL 'C3 H8 O3'
#
# COMPACT_ATOMS: atom_id res chain seq x y z
N SER A 11 13.44 16.02 28.52
CA SER A 11 14.16 17.07 27.79
C SER A 11 13.52 17.27 26.42
N SER A 12 12.98 16.20 25.86
CA SER A 12 12.28 16.27 24.60
C SER A 12 10.77 15.95 24.76
N GLY A 13 10.37 15.62 25.98
CA GLY A 13 8.97 15.34 26.30
C GLY A 13 8.35 14.24 25.46
N LEU A 14 9.05 13.10 25.39
CA LEU A 14 8.69 12.01 24.50
C LEU A 14 7.48 11.20 24.97
N VAL A 15 7.19 11.28 26.26
CA VAL A 15 6.11 10.51 26.86
C VAL A 15 5.15 11.40 27.65
N PRO A 16 3.85 11.37 27.29
CA PRO A 16 2.80 12.18 27.92
C PRO A 16 2.74 11.99 29.43
N ARG A 17 2.74 13.09 30.18
CA ARG A 17 2.56 13.03 31.62
C ARG A 17 1.21 12.37 31.92
N GLY A 18 1.13 11.63 33.03
CA GLY A 18 -0.15 11.10 33.45
C GLY A 18 -0.17 9.68 33.99
N SER A 19 0.59 9.45 35.06
CA SER A 19 0.57 8.20 35.83
C SER A 19 1.29 7.02 35.17
N HIS A 20 2.00 6.25 35.98
CA HIS A 20 2.80 5.12 35.52
C HIS A 20 3.76 5.57 34.43
N MET A 21 4.48 6.67 34.70
CA MET A 21 5.39 7.23 33.71
C MET A 21 6.44 6.20 33.31
N THR A 22 7.03 5.52 34.29
CA THR A 22 8.08 4.54 33.99
C THR A 22 7.60 3.40 33.10
N ARG A 23 6.43 2.83 33.41
CA ARG A 23 5.87 1.77 32.56
C ARG A 23 5.55 2.31 31.16
N ARG A 24 5.00 3.51 31.09
CA ARG A 24 4.71 4.11 29.80
C ARG A 24 6.00 4.47 29.04
N THR A 25 7.04 4.89 29.74
CA THR A 25 8.34 5.13 29.07
C THR A 25 8.90 3.85 28.45
N ILE A 26 8.78 2.74 29.18
CA ILE A 26 9.24 1.45 28.67
C ILE A 26 8.42 0.99 27.47
N PHE A 27 7.11 1.24 27.51
CA PHE A 27 6.22 1.03 26.38
C PHE A 27 6.67 1.78 25.11
N GLU A 28 6.90 3.10 25.23
CA GLU A 28 7.42 3.86 24.10
C GLU A 28 8.80 3.34 23.60
N LEU A 29 9.66 2.92 24.52
CA LEU A 29 10.99 2.44 24.12
C LEU A 29 10.87 1.18 23.29
N ARG A 30 10.03 0.25 23.71
CA ARG A 30 9.90 -1.02 22.99
C ARG A 30 9.21 -0.87 21.65
N LYS A 31 8.26 0.08 21.55
CA LYS A 31 7.64 0.37 20.25
C LYS A 31 8.67 1.02 19.31
N ALA A 32 9.47 1.92 19.86
CA ALA A 32 10.46 2.66 19.07
C ALA A 32 11.53 1.72 18.51
N ARG A 33 11.94 0.72 19.29
CA ARG A 33 12.93 -0.25 18.81
C ARG A 33 12.39 -1.09 17.67
N ASP A 34 11.14 -1.55 17.81
CA ASP A 34 10.50 -2.31 16.75
C ASP A 34 10.39 -1.48 15.46
N ARG A 35 9.97 -0.23 15.60
CA ARG A 35 9.84 0.63 14.42
C ARG A 35 11.21 0.92 13.81
N ALA A 36 12.23 1.11 14.66
CA ALA A 36 13.56 1.46 14.15
C ALA A 36 14.16 0.26 13.44
N HIS A 37 13.79 -0.93 13.90
CA HIS A 37 14.24 -2.16 13.25
C HIS A 37 13.83 -2.23 11.77
N ILE A 38 12.57 -1.91 11.49
CA ILE A 38 12.06 -1.93 10.12
C ILE A 38 12.76 -0.85 9.29
N LEU A 39 12.78 0.37 9.82
CA LEU A 39 13.34 1.51 9.09
C LEU A 39 14.82 1.28 8.78
N GLU A 40 15.48 0.53 9.65
CA GLU A 40 16.89 0.22 9.50
C GLU A 40 17.11 -0.67 8.27
N GLY A 41 16.23 -1.66 8.10
CA GLY A 41 16.19 -2.51 6.92
C GLY A 41 15.99 -1.72 5.63
N LEU A 42 15.01 -0.83 5.64
CA LEU A 42 14.74 0.04 4.49
C LEU A 42 15.90 0.95 4.16
N ALA A 43 16.48 1.59 5.18
CA ALA A 43 17.65 2.42 4.98
C ALA A 43 18.80 1.62 4.33
N LEU A 44 19.01 0.40 4.82
CA LEU A 44 20.07 -0.47 4.29
C LEU A 44 19.76 -0.87 2.84
N ALA A 45 18.50 -1.17 2.58
CA ALA A 45 18.07 -1.54 1.23
C ALA A 45 18.23 -0.34 0.31
N LEU A 46 17.85 0.84 0.81
CA LEU A 46 17.96 2.03 -0.03
C LEU A 46 19.43 2.40 -0.28
N ALA A 47 20.34 1.89 0.56
CA ALA A 47 21.76 2.18 0.38
C ALA A 47 22.35 1.22 -0.65
N ASN A 48 21.57 0.20 -1.00
CA ASN A 48 22.04 -0.86 -1.89
C ASN A 48 21.07 -1.11 -3.01
N ILE A 49 20.46 -0.06 -3.54
CA ILE A 49 19.18 -0.26 -4.21
C ILE A 49 19.30 -1.01 -5.56
N ASP A 50 20.41 -0.80 -6.27
CA ASP A 50 20.64 -1.50 -7.54
C ASP A 50 20.75 -3.02 -7.36
N GLU A 51 21.62 -3.45 -6.46
CA GLU A 51 21.77 -4.87 -6.15
C GLU A 51 20.52 -5.45 -5.46
N ILE A 52 19.84 -4.66 -4.64
CA ILE A 52 18.59 -5.12 -4.06
C ILE A 52 17.57 -5.37 -5.17
N ILE A 53 17.50 -4.45 -6.11
CA ILE A 53 16.52 -4.59 -7.19
C ILE A 53 16.89 -5.72 -8.15
N GLU A 54 18.17 -5.86 -8.46
CA GLU A 54 18.62 -7.00 -9.26
C GLU A 54 18.24 -8.34 -8.63
N LEU A 55 18.50 -8.49 -7.33
CA LEU A 55 18.10 -9.70 -6.61
C LEU A 55 16.60 -10.01 -6.79
N ILE A 56 15.76 -8.99 -6.68
CA ILE A 56 14.32 -9.24 -6.73
C ILE A 56 13.89 -9.62 -8.16
N LYS A 57 14.38 -8.89 -9.16
CA LYS A 57 14.17 -9.19 -10.59
C LYS A 57 14.60 -10.61 -10.91
N ASN A 58 15.62 -11.10 -10.20
CA ASN A 58 16.19 -12.41 -10.49
C ASN A 58 15.51 -13.56 -9.75
N ALA A 59 14.55 -13.23 -8.89
CA ALA A 59 13.76 -14.23 -8.20
C ALA A 59 12.44 -14.43 -8.93
N PRO A 60 11.94 -15.67 -8.97
CA PRO A 60 10.68 -16.01 -9.63
C PRO A 60 9.47 -15.53 -8.84
N THR A 61 9.54 -15.55 -7.51
CA THR A 61 8.39 -15.22 -6.67
C THR A 61 8.81 -14.33 -5.50
N PRO A 62 7.84 -13.65 -4.88
CA PRO A 62 8.14 -12.84 -3.71
C PRO A 62 8.73 -13.67 -2.58
N ALA A 63 8.26 -14.91 -2.45
CA ALA A 63 8.74 -15.79 -1.40
C ALA A 63 10.22 -16.12 -1.63
N GLU A 64 10.60 -16.40 -2.87
CA GLU A 64 12.00 -16.65 -3.18
C GLU A 64 12.87 -15.38 -3.07
N ALA A 65 12.29 -14.22 -3.36
CA ALA A 65 13.05 -12.98 -3.19
C ALA A 65 13.31 -12.73 -1.71
N LYS A 66 12.28 -12.94 -0.88
CA LYS A 66 12.44 -12.75 0.55
C LYS A 66 13.55 -13.64 1.08
N GLU A 67 13.57 -14.89 0.61
CA GLU A 67 14.62 -15.85 0.95
C GLU A 67 16.01 -15.39 0.52
N GLY A 68 16.11 -14.87 -0.70
CA GLY A 68 17.37 -14.36 -1.21
C GLY A 68 17.84 -13.16 -0.38
N LEU A 69 16.93 -12.27 -0.01
CA LEU A 69 17.29 -11.06 0.71
C LEU A 69 17.97 -11.35 2.06
N ILE A 70 17.51 -12.39 2.74
CA ILE A 70 18.03 -12.73 4.06
C ILE A 70 19.19 -13.71 4.05
N SER A 71 19.48 -14.33 2.91
CA SER A 71 20.45 -15.42 2.93
C SER A 71 21.86 -14.96 2.50
N ARG A 72 22.09 -13.65 2.50
CA ARG A 72 23.45 -13.16 2.23
C ARG A 72 23.67 -11.80 2.90
N GLY A 73 24.93 -11.40 3.10
CA GLY A 73 25.23 -10.13 3.74
C GLY A 73 25.16 -8.92 2.82
N TRP A 74 24.78 -7.77 3.36
CA TRP A 74 24.68 -6.57 2.54
C TRP A 74 25.75 -5.56 2.89
N ASP A 75 26.32 -4.91 1.88
CA ASP A 75 27.20 -3.77 2.13
C ASP A 75 26.45 -2.70 2.93
N LEU A 76 27.16 -2.06 3.84
CA LEU A 76 26.55 -1.05 4.70
C LEU A 76 26.28 0.25 3.94
N GLY A 77 27.11 0.52 2.92
CA GLY A 77 26.92 1.71 2.10
C GLY A 77 26.79 3.01 2.90
N ASN A 78 25.86 3.85 2.44
CA ASN A 78 25.48 5.16 2.96
CA ASN A 78 25.76 5.19 3.03
C ASN A 78 25.19 5.22 4.46
N VAL A 79 24.80 4.07 5.00
CA VAL A 79 24.35 4.03 6.40
C VAL A 79 25.34 3.41 7.39
N ALA A 80 26.56 3.12 6.90
CA ALA A 80 27.58 2.46 7.72
C ALA A 80 27.85 3.16 9.05
N SER A 81 27.98 4.48 9.01
CA SER A 81 28.35 5.23 10.23
C SER A 81 27.27 5.12 11.29
N MET A 82 26.01 5.15 10.87
CA MET A 82 24.89 5.01 11.79
C MET A 82 24.80 3.60 12.35
N LEU A 83 24.90 2.61 11.46
CA LEU A 83 24.79 1.20 11.83
C LEU A 83 25.85 0.72 12.81
N GLU A 84 27.06 1.27 12.69
CA GLU A 84 28.20 0.84 13.49
C GLU A 84 28.28 1.58 14.82
N ARG A 85 27.40 2.55 15.06
CA ARG A 85 27.45 3.28 16.32
C ARG A 85 27.04 2.37 17.48
N ALA A 86 27.73 2.51 18.62
CA ALA A 86 27.43 1.72 19.82
C ALA A 86 25.97 1.91 20.29
N GLY A 87 25.45 3.11 20.12
CA GLY A 87 24.06 3.41 20.44
C GLY A 87 23.07 2.66 19.55
N THR A 88 23.45 2.44 18.29
CA THR A 88 22.58 1.77 17.33
C THR A 88 22.45 0.27 17.66
N ASP A 89 23.55 -0.34 18.12
CA ASP A 89 23.49 -1.71 18.63
C ASP A 89 22.55 -1.77 19.86
N ALA A 90 22.69 -0.82 20.77
CA ALA A 90 21.84 -0.75 21.95
C ALA A 90 20.36 -0.55 21.59
N ALA A 91 20.09 -0.05 20.39
CA ALA A 91 18.71 0.19 19.95
C ALA A 91 18.03 -1.03 19.32
N ARG A 92 18.78 -2.12 19.10
CA ARG A 92 18.19 -3.31 18.49
C ARG A 92 17.15 -3.95 19.41
N PRO A 93 16.09 -4.52 18.84
CA PRO A 93 15.11 -5.22 19.70
C PRO A 93 15.80 -6.38 20.43
N ASP A 94 15.46 -6.60 21.70
CA ASP A 94 16.16 -7.62 22.47
C ASP A 94 15.72 -9.05 22.12
N TRP A 95 14.69 -9.18 21.29
CA TRP A 95 14.29 -10.50 20.78
C TRP A 95 15.10 -10.91 19.56
N LEU A 96 15.95 -10.00 19.09
CA LEU A 96 16.74 -10.23 17.88
C LEU A 96 17.95 -11.12 18.14
N GLU A 97 18.02 -12.26 17.46
CA GLU A 97 19.14 -13.20 17.60
C GLU A 97 20.48 -12.63 17.11
N PRO A 98 21.60 -13.17 17.64
CA PRO A 98 22.94 -12.67 17.27
C PRO A 98 23.32 -12.88 15.80
N GLU A 99 22.65 -13.79 15.09
CA GLU A 99 22.96 -14.00 13.68
C GLU A 99 22.48 -12.86 12.75
N PHE A 100 21.72 -11.91 13.30
CA PHE A 100 21.18 -10.77 12.52
C PHE A 100 21.90 -9.43 12.80
N GLY A 101 21.76 -8.45 11.91
CA GLY A 101 22.54 -7.22 11.99
C GLY A 101 23.95 -7.38 11.40
N ILE A 102 24.94 -6.70 11.97
CA ILE A 102 26.27 -6.69 11.36
C ILE A 102 27.11 -7.90 11.72
N ARG A 103 27.60 -8.59 10.69
CA ARG A 103 28.56 -9.67 10.86
C ARG A 103 29.66 -9.59 9.78
N GLU A 104 30.90 -9.38 10.23
CA GLU A 104 32.07 -9.28 9.36
C GLU A 104 31.94 -8.20 8.28
N GLY A 105 31.51 -7.02 8.71
CA GLY A 105 31.42 -5.87 7.85
C GLY A 105 30.15 -5.81 7.02
N LYS A 106 29.31 -6.83 7.11
CA LYS A 106 28.09 -6.89 6.30
C LYS A 106 26.81 -7.06 7.13
N TYR A 107 25.68 -6.61 6.60
CA TYR A 107 24.44 -6.61 7.36
C TYR A 107 23.51 -7.76 6.98
N PHE A 108 23.00 -8.45 8.00
CA PHE A 108 22.12 -9.59 7.75
C PHE A 108 20.68 -9.28 8.18
N LEU A 109 19.77 -9.28 7.20
CA LEU A 109 18.38 -8.89 7.41
C LEU A 109 17.52 -9.99 8.04
N THR A 110 16.48 -9.59 8.76
CA THR A 110 15.49 -10.54 9.23
C THR A 110 14.38 -10.68 8.17
N GLU A 111 13.54 -11.69 8.33
CA GLU A 111 12.41 -11.90 7.45
C GLU A 111 11.46 -10.70 7.48
N GLN A 112 11.38 -10.04 8.63
CA GLN A 112 10.43 -8.95 8.77
C GLN A 112 10.95 -7.75 8.01
N GLN A 113 12.26 -7.53 8.06
CA GLN A 113 12.78 -6.40 7.32
C GLN A 113 12.79 -6.68 5.81
N ALA A 114 12.99 -7.94 5.41
CA ALA A 114 12.93 -8.30 3.99
C ALA A 114 11.53 -8.13 3.42
N GLN A 115 10.51 -8.49 4.21
CA GLN A 115 9.12 -8.31 3.84
C GLN A 115 8.81 -6.83 3.59
N ALA A 116 9.28 -5.95 4.47
CA ALA A 116 9.02 -4.52 4.26
C ALA A 116 9.73 -3.98 3.01
N ILE A 117 10.94 -4.47 2.74
CA ILE A 117 11.66 -4.06 1.53
C ILE A 117 10.85 -4.39 0.28
N LEU A 118 10.26 -5.61 0.24
CA LEU A 118 9.48 -6.06 -0.91
C LEU A 118 8.23 -5.23 -1.10
N GLU A 119 7.79 -4.57 -0.03
CA GLU A 119 6.56 -3.80 -0.07
C GLU A 119 6.82 -2.31 -0.33
N LEU A 120 8.08 -1.93 -0.46
CA LEU A 120 8.44 -0.57 -0.87
C LEU A 120 7.81 -0.25 -2.22
N ARG A 121 7.33 0.97 -2.41
CA ARG A 121 6.89 1.44 -3.73
C ARG A 121 8.02 2.17 -4.46
N LEU A 122 8.05 2.08 -5.79
CA LEU A 122 9.15 2.67 -6.57
C LEU A 122 9.41 4.15 -6.30
N HIS A 123 8.38 4.93 -5.99
CA HIS A 123 8.60 6.35 -5.75
C HIS A 123 9.38 6.65 -4.44
N ARG A 124 9.54 5.64 -3.60
CA ARG A 124 10.44 5.73 -2.46
C ARG A 124 11.89 5.90 -2.89
N LEU A 125 12.20 5.57 -4.14
CA LEU A 125 13.57 5.73 -4.65
C LEU A 125 13.92 7.17 -5.02
N THR A 126 12.92 8.04 -5.09
CA THR A 126 13.19 9.44 -5.41
C THR A 126 14.04 10.06 -4.28
N GLY A 127 14.81 11.10 -4.59
CA GLY A 127 15.72 11.68 -3.62
C GLY A 127 15.08 12.06 -2.29
N LEU A 128 13.97 12.78 -2.36
CA LEU A 128 13.29 13.30 -1.18
C LEU A 128 12.65 12.21 -0.32
N GLU A 129 12.11 11.18 -0.97
CA GLU A 129 11.53 10.05 -0.23
C GLU A 129 12.61 9.20 0.42
N HIS A 130 13.73 8.99 -0.27
CA HIS A 130 14.83 8.24 0.32
C HIS A 130 15.32 8.97 1.57
N GLU A 131 15.48 10.29 1.47
CA GLU A 131 15.93 11.11 2.60
C GLU A 131 14.96 11.06 3.77
N LYS A 132 13.66 11.06 3.49
CA LYS A 132 12.68 10.99 4.57
C LYS A 132 12.74 9.66 5.32
N ILE A 133 13.23 8.61 4.66
CA ILE A 133 13.37 7.34 5.37
C ILE A 133 14.58 7.39 6.33
N LEU A 134 15.65 8.00 5.86
CA LEU A 134 16.86 8.23 6.63
C LEU A 134 16.64 9.22 7.79
N ASP A 135 15.89 10.28 7.55
CA ASP A 135 15.58 11.24 8.62
C ASP A 135 14.76 10.56 9.72
N GLU A 136 13.76 9.79 9.31
CA GLU A 136 12.88 9.12 10.27
C GLU A 136 13.64 8.07 11.07
N TYR A 137 14.58 7.38 10.43
CA TYR A 137 15.40 6.40 11.11
C TYR A 137 16.32 7.06 12.16
N LYS A 138 16.92 8.19 11.80
CA LYS A 138 17.83 8.90 12.69
C LYS A 138 17.10 9.48 13.88
N ALA A 139 15.94 10.06 13.61
CA ALA A 139 15.09 10.58 14.66
C ALA A 139 14.71 9.49 15.67
N LEU A 140 14.37 8.30 15.17
CA LEU A 140 14.04 7.18 16.04
C LEU A 140 15.20 6.77 16.93
N LEU A 141 16.40 6.73 16.36
CA LEU A 141 17.60 6.39 17.09
C LEU A 141 17.81 7.41 18.20
N ASP A 142 17.63 8.69 17.89
CA ASP A 142 17.73 9.74 18.89
C ASP A 142 16.68 9.59 20.00
N GLU A 143 15.46 9.21 19.64
CA GLU A 143 14.40 9.05 20.63
C GLU A 143 14.75 7.90 21.56
N ILE A 144 15.27 6.82 20.98
CA ILE A 144 15.63 5.63 21.73
C ILE A 144 16.73 5.91 22.74
N ALA A 145 17.78 6.62 22.29
CA ALA A 145 18.90 6.98 23.16
C ALA A 145 18.40 7.82 24.33
N GLU A 146 17.51 8.77 24.03
CA GLU A 146 16.94 9.59 25.09
C GLU A 146 16.09 8.78 26.08
N LEU A 147 15.18 7.98 25.56
CA LEU A 147 14.35 7.11 26.41
C LEU A 147 15.20 6.23 27.31
N MET A 148 16.22 5.59 26.73
CA MET A 148 17.06 4.67 27.49
C MET A 148 17.77 5.37 28.63
N HIS A 149 18.19 6.61 28.37
CA HIS A 149 18.94 7.36 29.35
C HIS A 149 18.05 7.74 30.53
N ILE A 150 16.80 8.09 30.25
CA ILE A 150 15.80 8.36 31.28
C ILE A 150 15.65 7.16 32.22
N LEU A 151 15.71 5.95 31.65
CA LEU A 151 15.52 4.74 32.44
C LEU A 151 16.80 4.16 33.03
N ALA A 152 17.92 4.85 32.85
CA ALA A 152 19.22 4.29 33.22
C ALA A 152 19.61 4.59 34.67
N SER A 153 18.63 5.04 35.45
CA SER A 153 18.88 5.46 36.82
C SER A 153 18.05 4.63 37.79
N MET B 21 -28.52 -5.47 -19.29
CA MET B 21 -27.48 -6.41 -19.70
C MET B 21 -26.58 -5.82 -20.77
N THR B 22 -27.18 -5.10 -21.72
CA THR B 22 -26.37 -4.42 -22.74
C THR B 22 -25.58 -3.28 -22.09
N ARG B 23 -26.22 -2.55 -21.19
CA ARG B 23 -25.56 -1.50 -20.43
C ARG B 23 -24.40 -2.08 -19.63
N ARG B 24 -24.61 -3.28 -19.09
CA ARG B 24 -23.57 -3.97 -18.31
C ARG B 24 -22.31 -4.22 -19.16
N THR B 25 -22.47 -4.72 -20.38
CA THR B 25 -21.29 -5.06 -21.17
C THR B 25 -20.59 -3.82 -21.72
N ILE B 26 -21.34 -2.74 -21.96
CA ILE B 26 -20.77 -1.47 -22.41
C ILE B 26 -19.90 -0.93 -21.29
N PHE B 27 -20.42 -1.06 -20.08
CA PHE B 27 -19.68 -0.72 -18.88
C PHE B 27 -18.40 -1.56 -18.75
N GLU B 28 -18.52 -2.88 -18.86
CA GLU B 28 -17.35 -3.76 -18.79
C GLU B 28 -16.32 -3.47 -19.90
N LEU B 29 -16.80 -3.10 -21.08
CA LEU B 29 -15.90 -2.73 -22.18
C LEU B 29 -15.07 -1.50 -21.81
N ARG B 30 -15.73 -0.47 -21.28
CA ARG B 30 -15.06 0.75 -20.83
C ARG B 30 -13.97 0.45 -19.79
N LYS B 31 -14.29 -0.38 -18.81
CA LYS B 31 -13.33 -0.63 -17.74
C LYS B 31 -12.18 -1.57 -18.17
N ALA B 32 -12.47 -2.45 -19.12
CA ALA B 32 -11.47 -3.37 -19.66
C ALA B 32 -10.43 -2.56 -20.44
N ARG B 33 -10.88 -1.56 -21.18
CA ARG B 33 -9.96 -0.67 -21.90
C ARG B 33 -9.08 0.16 -20.99
N ASP B 34 -9.66 0.72 -19.91
CA ASP B 34 -8.91 1.53 -18.94
C ASP B 34 -7.84 0.67 -18.26
N ARG B 35 -8.24 -0.56 -17.95
CA ARG B 35 -7.37 -1.52 -17.29
C ARG B 35 -6.24 -1.99 -18.21
N ALA B 36 -6.57 -2.28 -19.46
CA ALA B 36 -5.57 -2.68 -20.44
C ALA B 36 -4.57 -1.57 -20.67
N HIS B 37 -5.03 -0.33 -20.58
CA HIS B 37 -4.17 0.84 -20.76
C HIS B 37 -3.10 0.93 -19.66
N ILE B 38 -3.54 0.77 -18.40
CA ILE B 38 -2.62 0.81 -17.27
C ILE B 38 -1.61 -0.34 -17.37
N LEU B 39 -2.11 -1.53 -17.67
CA LEU B 39 -1.24 -2.69 -17.81
C LEU B 39 -0.24 -2.53 -18.95
N GLU B 40 -0.64 -1.84 -20.01
CA GLU B 40 0.21 -1.66 -21.17
C GLU B 40 1.42 -0.81 -20.78
N GLY B 41 1.17 0.22 -19.99
CA GLY B 41 2.20 1.08 -19.45
C GLY B 41 3.17 0.35 -18.52
N LEU B 42 2.62 -0.52 -17.68
CA LEU B 42 3.45 -1.35 -16.80
C LEU B 42 4.36 -2.29 -17.60
N ALA B 43 3.82 -2.90 -18.66
CA ALA B 43 4.59 -3.80 -19.53
C ALA B 43 5.75 -3.05 -20.20
N LEU B 44 5.50 -1.80 -20.59
CA LEU B 44 6.53 -1.00 -21.23
C LEU B 44 7.63 -0.64 -20.23
N ALA B 45 7.20 -0.23 -19.04
CA ALA B 45 8.11 0.11 -17.94
C ALA B 45 8.99 -1.08 -17.59
N LEU B 46 8.35 -2.22 -17.37
CA LEU B 46 9.07 -3.44 -17.01
C LEU B 46 9.97 -4.00 -18.13
N ALA B 47 9.81 -3.47 -19.36
CA ALA B 47 10.73 -3.81 -20.45
C ALA B 47 11.86 -2.78 -20.51
N ASN B 48 11.78 -1.77 -19.66
CA ASN B 48 12.80 -0.71 -19.62
C ASN B 48 13.25 -0.45 -18.20
N ILE B 49 13.28 -1.52 -17.39
CA ILE B 49 13.47 -1.41 -15.95
C ILE B 49 14.69 -0.59 -15.52
N ASP B 50 15.86 -0.90 -16.10
CA ASP B 50 17.09 -0.21 -15.77
C ASP B 50 16.97 1.31 -15.91
N GLU B 51 16.50 1.73 -17.09
CA GLU B 51 16.37 3.13 -17.41
C GLU B 51 15.24 3.78 -16.57
N ILE B 52 14.15 3.05 -16.34
CA ILE B 52 13.09 3.55 -15.44
C ILE B 52 13.63 3.83 -14.02
N ILE B 53 14.29 2.84 -13.43
CA ILE B 53 14.92 3.00 -12.10
C ILE B 53 15.93 4.16 -12.04
N GLU B 54 16.84 4.22 -13.00
CA GLU B 54 17.80 5.32 -13.04
C GLU B 54 17.10 6.69 -13.05
N LEU B 55 16.05 6.81 -13.85
CA LEU B 55 15.30 8.07 -13.93
C LEU B 55 14.62 8.40 -12.58
N ILE B 56 13.98 7.42 -11.95
CA ILE B 56 13.32 7.62 -10.66
C ILE B 56 14.30 8.02 -9.53
N LYS B 57 15.40 7.27 -9.41
CA LYS B 57 16.50 7.59 -8.48
C LYS B 57 17.06 9.01 -8.64
N ASN B 58 17.08 9.51 -9.89
CA ASN B 58 17.63 10.83 -10.17
C ASN B 58 16.66 11.98 -9.91
N ALA B 59 15.36 11.65 -9.85
CA ALA B 59 14.34 12.66 -9.60
C ALA B 59 14.29 13.01 -8.12
N PRO B 60 14.25 14.31 -7.80
CA PRO B 60 14.15 14.78 -6.42
C PRO B 60 12.85 14.36 -5.74
N THR B 61 11.75 14.28 -6.49
CA THR B 61 10.42 14.06 -5.92
C THR B 61 9.60 13.16 -6.84
N PRO B 62 8.50 12.58 -6.32
CA PRO B 62 7.68 11.74 -7.21
C PRO B 62 7.08 12.55 -8.34
N ALA B 63 6.77 13.82 -8.10
CA ALA B 63 6.21 14.68 -9.14
C ALA B 63 7.18 14.87 -10.31
N GLU B 64 8.44 15.20 -10.00
CA GLU B 64 9.47 15.31 -11.04
C GLU B 64 9.75 13.98 -11.73
N ALA B 65 9.64 12.87 -11.00
CA ALA B 65 9.82 11.56 -11.63
C ALA B 65 8.69 11.32 -12.62
N LYS B 66 7.47 11.68 -12.23
CA LYS B 66 6.32 11.52 -13.10
C LYS B 66 6.51 12.30 -14.40
N GLU B 67 6.96 13.56 -14.25
CA GLU B 67 7.20 14.44 -15.39
C GLU B 67 8.30 13.90 -16.33
N GLY B 68 9.32 13.26 -15.76
CA GLY B 68 10.37 12.66 -16.55
C GLY B 68 9.87 11.45 -17.32
N LEU B 69 8.93 10.72 -16.72
CA LEU B 69 8.39 9.50 -17.32
C LEU B 69 7.57 9.80 -18.57
N ILE B 70 6.85 10.92 -18.55
CA ILE B 70 5.89 11.22 -19.61
C ILE B 70 6.55 12.08 -20.67
N SER B 71 7.68 12.69 -20.35
CA SER B 71 8.24 13.68 -21.27
C SER B 71 9.30 13.12 -22.23
N ARG B 72 9.43 11.80 -22.29
CA ARG B 72 10.36 11.19 -23.23
C ARG B 72 9.69 9.98 -23.89
N GLY B 73 10.13 9.63 -25.10
CA GLY B 73 9.65 8.41 -25.71
C GLY B 73 10.39 7.22 -25.15
N TRP B 74 9.71 6.09 -25.00
CA TRP B 74 10.36 4.87 -24.51
C TRP B 74 10.49 3.81 -25.60
N ASP B 75 11.64 3.16 -25.67
CA ASP B 75 11.86 2.07 -26.63
C ASP B 75 10.96 0.89 -26.26
N LEU B 76 10.31 0.30 -27.25
CA LEU B 76 9.35 -0.79 -27.01
C LEU B 76 10.04 -2.09 -26.57
N GLY B 77 11.31 -2.24 -26.95
CA GLY B 77 12.14 -3.36 -26.53
C GLY B 77 11.55 -4.75 -26.76
N ASN B 78 11.72 -5.63 -25.78
CA ASN B 78 11.23 -7.01 -25.86
C ASN B 78 9.69 -7.12 -25.99
N VAL B 79 8.96 -6.08 -25.61
CA VAL B 79 7.51 -6.13 -25.79
C VAL B 79 6.96 -5.52 -27.07
N ALA B 80 7.83 -5.22 -28.03
CA ALA B 80 7.42 -4.62 -29.29
C ALA B 80 6.35 -5.45 -30.01
N SER B 81 6.55 -6.76 -30.07
CA SER B 81 5.64 -7.65 -30.77
C SER B 81 4.26 -7.71 -30.08
N MET B 82 4.26 -7.61 -28.76
CA MET B 82 3.01 -7.67 -28.01
C MET B 82 2.14 -6.44 -28.21
N LEU B 83 2.77 -5.26 -28.22
CA LEU B 83 2.04 -4.01 -28.34
C LEU B 83 1.56 -3.73 -29.76
N GLU B 84 2.12 -4.47 -30.73
CA GLU B 84 1.75 -4.30 -32.14
C GLU B 84 0.67 -5.29 -32.60
N ARG B 85 0.20 -6.15 -31.69
CA ARG B 85 -0.86 -7.12 -32.02
C ARG B 85 -2.10 -6.41 -32.55
N ALA B 86 -2.86 -7.09 -33.39
CA ALA B 86 -4.00 -6.49 -34.08
C ALA B 86 -5.02 -5.91 -33.12
N GLY B 87 -5.33 -6.65 -32.05
CA GLY B 87 -6.33 -6.25 -31.08
C GLY B 87 -5.93 -5.16 -30.11
N THR B 88 -4.74 -4.59 -30.30
CA THR B 88 -4.26 -3.51 -29.45
C THR B 88 -5.00 -2.18 -29.71
N ASP B 89 -5.31 -1.91 -30.99
CA ASP B 89 -6.02 -0.68 -31.37
C ASP B 89 -7.40 -0.57 -30.73
N ALA B 90 -8.15 -1.67 -30.73
CA ALA B 90 -9.49 -1.69 -30.16
C ALA B 90 -9.49 -1.49 -28.65
N ALA B 91 -8.39 -1.83 -28.00
CA ALA B 91 -8.29 -1.81 -26.54
C ALA B 91 -8.00 -0.42 -25.97
N ARG B 92 -7.93 0.55 -26.85
CA ARG B 92 -7.58 1.93 -26.51
C ARG B 92 -8.81 2.69 -26.01
N PRO B 93 -8.70 3.38 -24.86
CA PRO B 93 -9.84 4.13 -24.32
C PRO B 93 -10.19 5.35 -25.17
N ASP B 94 -11.47 5.72 -25.21
CA ASP B 94 -11.91 6.78 -26.11
C ASP B 94 -11.46 8.17 -25.66
N TRP B 95 -10.99 8.28 -24.43
CA TRP B 95 -10.53 9.58 -23.92
C TRP B 95 -9.05 9.81 -24.21
N LEU B 96 -8.35 8.77 -24.66
CA LEU B 96 -6.93 8.85 -24.96
C LEU B 96 -6.61 9.69 -26.21
N GLU B 97 -5.84 10.76 -26.03
CA GLU B 97 -5.37 11.59 -27.15
C GLU B 97 -4.48 10.79 -28.09
N PRO B 98 -4.43 11.20 -29.37
CA PRO B 98 -3.66 10.44 -30.38
C PRO B 98 -2.18 10.51 -30.08
N GLU B 99 -1.78 11.59 -29.41
CA GLU B 99 -0.42 11.85 -28.96
C GLU B 99 0.19 10.71 -28.11
N PHE B 100 -0.68 9.94 -27.45
CA PHE B 100 -0.21 8.92 -26.52
C PHE B 100 -0.17 7.51 -27.12
N GLY B 101 0.80 6.71 -26.67
CA GLY B 101 1.03 5.39 -27.20
C GLY B 101 2.24 5.40 -28.12
N ILE B 102 2.18 4.62 -29.19
CA ILE B 102 3.32 4.56 -30.09
C ILE B 102 3.32 5.69 -31.14
N ARG B 103 4.36 6.51 -31.08
CA ARG B 103 4.69 7.46 -32.14
C ARG B 103 6.07 7.06 -32.62
N GLU B 104 6.13 6.53 -33.84
CA GLU B 104 7.31 5.87 -34.42
C GLU B 104 8.67 6.33 -33.89
N GLY B 105 9.40 5.40 -33.28
CA GLY B 105 8.89 4.08 -32.96
C GLY B 105 9.00 3.85 -31.45
N LYS B 106 8.44 4.80 -30.69
CA LYS B 106 8.57 4.80 -29.24
C LYS B 106 7.22 5.00 -28.59
N TYR B 107 7.15 4.70 -27.30
CA TYR B 107 5.91 4.75 -26.57
C TYR B 107 5.89 5.95 -25.63
N PHE B 108 4.82 6.72 -25.72
CA PHE B 108 4.64 7.91 -24.87
C PHE B 108 3.55 7.64 -23.86
N LEU B 109 3.93 7.74 -22.58
CA LEU B 109 3.05 7.35 -21.46
C LEU B 109 2.13 8.50 -21.09
N THR B 110 0.99 8.17 -20.48
CA THR B 110 0.12 9.17 -19.89
C THR B 110 0.49 9.36 -18.43
N GLU B 111 -0.01 10.43 -17.83
CA GLU B 111 0.16 10.70 -16.41
C GLU B 111 -0.34 9.50 -15.61
N GLN B 112 -1.46 8.93 -16.03
CA GLN B 112 -2.01 7.78 -15.32
C GLN B 112 -1.11 6.54 -15.38
N GLN B 113 -0.51 6.29 -16.55
CA GLN B 113 0.45 5.20 -16.65
C GLN B 113 1.67 5.49 -15.77
N ALA B 114 2.13 6.75 -15.78
CA ALA B 114 3.31 7.14 -15.01
C ALA B 114 3.07 6.94 -13.52
N GLN B 115 1.89 7.35 -13.07
CA GLN B 115 1.51 7.24 -11.66
C GLN B 115 1.47 5.78 -11.20
N ALA B 116 0.95 4.91 -12.07
CA ALA B 116 0.86 3.49 -11.76
C ALA B 116 2.26 2.88 -11.63
N ILE B 117 3.17 3.28 -12.51
CA ILE B 117 4.54 2.80 -12.41
C ILE B 117 5.16 3.23 -11.08
N LEU B 118 4.92 4.48 -10.67
CA LEU B 118 5.49 4.96 -9.42
C LEU B 118 4.92 4.23 -8.19
N GLU B 119 3.76 3.59 -8.35
CA GLU B 119 3.09 2.97 -7.20
C GLU B 119 3.30 1.44 -7.15
N LEU B 120 4.01 0.91 -8.15
CA LEU B 120 4.40 -0.49 -8.15
C LEU B 120 5.21 -0.82 -6.89
N ARG B 121 4.83 -1.90 -6.21
CA ARG B 121 5.67 -2.44 -5.15
C ARG B 121 6.84 -3.23 -5.76
N LEU B 122 7.96 -3.27 -5.06
CA LEU B 122 9.16 -3.97 -5.56
C LEU B 122 8.90 -5.44 -5.89
N HIS B 123 8.06 -6.13 -5.10
CA HIS B 123 7.84 -7.57 -5.36
C HIS B 123 7.16 -7.83 -6.73
N ARG B 124 6.63 -6.78 -7.36
CA ARG B 124 6.03 -6.90 -8.70
C ARG B 124 7.09 -7.15 -9.79
N LEU B 125 8.37 -6.98 -9.44
CA LEU B 125 9.47 -7.16 -10.39
C LEU B 125 9.95 -8.63 -10.46
N THR B 126 9.52 -9.44 -9.52
CA THR B 126 9.85 -10.87 -9.55
C THR B 126 9.31 -11.47 -10.84
N GLY B 127 9.89 -12.57 -11.29
CA GLY B 127 9.48 -13.20 -12.53
C GLY B 127 7.99 -13.52 -12.64
N LEU B 128 7.44 -14.19 -11.64
CA LEU B 128 6.02 -14.56 -11.69
C LEU B 128 5.07 -13.34 -11.73
N GLU B 129 5.35 -12.32 -10.93
CA GLU B 129 4.50 -11.14 -10.92
C GLU B 129 4.61 -10.32 -12.20
N HIS B 130 5.79 -10.33 -12.80
CA HIS B 130 5.98 -9.70 -14.09
C HIS B 130 5.17 -10.45 -15.17
N GLU B 131 5.26 -11.77 -15.17
CA GLU B 131 4.52 -12.60 -16.11
C GLU B 131 3.00 -12.35 -15.99
N LYS B 132 2.49 -12.30 -14.77
CA LYS B 132 1.05 -12.06 -14.55
C LYS B 132 0.56 -10.77 -15.17
N ILE B 133 1.36 -9.71 -15.09
CA ILE B 133 0.99 -8.44 -15.73
C ILE B 133 0.82 -8.61 -17.24
N LEU B 134 1.78 -9.30 -17.89
CA LEU B 134 1.74 -9.56 -19.32
C LEU B 134 0.58 -10.49 -19.70
N ASP B 135 0.42 -11.59 -18.96
CA ASP B 135 -0.68 -12.52 -19.21
C ASP B 135 -2.03 -11.81 -19.13
N GLU B 136 -2.19 -10.98 -18.10
CA GLU B 136 -3.42 -10.26 -17.86
C GLU B 136 -3.76 -9.23 -18.96
N TYR B 137 -2.74 -8.52 -19.44
CA TYR B 137 -2.93 -7.56 -20.54
C TYR B 137 -3.38 -8.30 -21.80
N LYS B 138 -2.76 -9.45 -22.06
CA LYS B 138 -3.14 -10.27 -23.19
C LYS B 138 -4.56 -10.81 -23.04
N ALA B 139 -4.89 -11.25 -21.85
CA ALA B 139 -6.23 -11.77 -21.57
C ALA B 139 -7.30 -10.70 -21.80
N LEU B 140 -6.98 -9.48 -21.40
CA LEU B 140 -7.85 -8.32 -21.60
C LEU B 140 -8.11 -8.01 -23.08
N LEU B 141 -7.08 -8.09 -23.92
CA LEU B 141 -7.24 -7.89 -25.34
C LEU B 141 -8.27 -8.87 -25.90
N ASP B 142 -8.24 -10.11 -25.42
CA ASP B 142 -9.19 -11.12 -25.85
C ASP B 142 -10.58 -10.84 -25.27
N GLU B 143 -10.62 -10.41 -24.01
CA GLU B 143 -11.87 -10.08 -23.34
C GLU B 143 -12.55 -8.91 -24.07
N ILE B 144 -11.74 -7.96 -24.52
CA ILE B 144 -12.25 -6.78 -25.18
C ILE B 144 -12.89 -7.15 -26.51
N ALA B 145 -12.28 -8.10 -27.22
CA ALA B 145 -12.84 -8.57 -28.48
C ALA B 145 -14.14 -9.34 -28.25
N GLU B 146 -14.20 -10.08 -27.14
CA GLU B 146 -15.41 -10.86 -26.84
C GLU B 146 -16.61 -9.97 -26.53
N LEU B 147 -16.41 -8.99 -25.64
CA LEU B 147 -17.45 -8.01 -25.31
C LEU B 147 -18.00 -7.30 -26.54
N MET B 148 -17.11 -6.91 -27.45
CA MET B 148 -17.53 -6.28 -28.70
C MET B 148 -18.35 -7.23 -29.55
N HIS B 149 -17.97 -8.50 -29.57
CA HIS B 149 -18.71 -9.49 -30.35
C HIS B 149 -20.10 -9.67 -29.75
N ILE B 150 -20.21 -9.38 -28.46
CA ILE B 150 -21.50 -9.47 -27.77
C ILE B 150 -22.42 -8.29 -28.11
N LEU B 151 -21.86 -7.13 -28.43
CA LEU B 151 -22.69 -5.95 -28.74
C LEU B 151 -23.29 -5.94 -30.16
N SER C 2 -3.60 -9.16 17.02
CA SER C 2 -2.40 -9.08 16.21
C SER C 2 -2.74 -9.04 14.72
N GLN C 3 -1.85 -8.48 13.90
CA GLN C 3 -2.12 -8.35 12.46
C GLN C 3 -2.31 -9.72 11.84
N PHE C 4 -3.37 -9.86 11.04
CA PHE C 4 -3.78 -11.12 10.43
C PHE C 4 -4.41 -12.12 11.41
N THR C 5 -4.63 -11.71 12.65
CA THR C 5 -5.34 -12.59 13.58
C THR C 5 -6.80 -12.69 13.12
N LEU C 6 -7.34 -13.91 13.19
CA LEU C 6 -8.72 -14.16 12.81
C LEU C 6 -9.65 -14.21 14.02
N TYR C 7 -10.74 -13.42 13.96
CA TYR C 7 -11.68 -13.27 15.07
C TYR C 7 -13.09 -13.78 14.75
N LYS C 8 -13.70 -14.48 15.70
CA LYS C 8 -15.10 -14.86 15.52
C LYS C 8 -16.00 -13.64 15.75
N ASN C 9 -16.90 -13.39 14.80
CA ASN C 9 -17.88 -12.30 14.94
C ASN C 9 -18.91 -12.75 15.95
N LYS C 10 -18.97 -12.05 17.08
CA LYS C 10 -19.91 -12.42 18.13
C LYS C 10 -21.24 -11.67 18.02
N ASP C 11 -21.39 -10.85 16.98
CA ASP C 11 -22.67 -10.18 16.72
C ASP C 11 -23.61 -11.14 16.00
N LYS C 12 -24.63 -11.62 16.73
CA LYS C 12 -25.53 -12.65 16.22
C LYS C 12 -26.28 -12.22 14.97
N SER C 13 -26.53 -10.92 14.86
CA SER C 13 -27.30 -10.37 13.74
C SER C 13 -26.50 -10.27 12.43
N SER C 14 -25.19 -10.46 12.50
CA SER C 14 -24.36 -10.38 11.30
C SER C 14 -23.46 -11.61 11.15
N ALA C 15 -23.52 -12.51 12.12
CA ALA C 15 -22.59 -13.62 12.17
C ALA C 15 -22.87 -14.69 11.11
N LYS C 16 -24.11 -14.76 10.63
CA LYS C 16 -24.46 -15.71 9.59
C LYS C 16 -23.70 -15.43 8.29
N THR C 17 -23.76 -14.19 7.84
CA THR C 17 -23.10 -13.81 6.60
C THR C 17 -21.61 -13.50 6.82
N TYR C 18 -21.28 -12.98 8.01
CA TYR C 18 -19.89 -12.62 8.32
C TYR C 18 -19.41 -13.29 9.61
N PRO C 19 -19.21 -14.62 9.59
CA PRO C 19 -18.90 -15.38 10.80
C PRO C 19 -17.48 -15.12 11.36
N TYR C 20 -16.62 -14.52 10.55
CA TYR C 20 -15.25 -14.22 10.99
C TYR C 20 -14.76 -12.94 10.35
N PHE C 21 -13.79 -12.30 11.00
CA PHE C 21 -13.09 -11.18 10.37
C PHE C 21 -11.61 -11.17 10.72
N VAL C 22 -10.82 -10.53 9.89
CA VAL C 22 -9.39 -10.54 10.12
C VAL C 22 -8.84 -9.12 10.28
N ASP C 23 -8.10 -8.90 11.36
CA ASP C 23 -7.39 -7.65 11.58
C ASP C 23 -6.25 -7.50 10.54
N VAL C 24 -6.22 -6.39 9.82
CA VAL C 24 -5.17 -6.17 8.83
C VAL C 24 -4.31 -4.93 9.16
N GLN C 25 -4.53 -4.38 10.35
CA GLN C 25 -3.82 -3.20 10.83
C GLN C 25 -2.40 -3.54 11.30
N SER C 26 -1.47 -2.62 11.07
CA SER C 26 -0.09 -2.83 11.48
C SER C 26 0.04 -2.90 12.99
N ASP C 27 0.87 -3.83 13.46
CA ASP C 27 1.16 -3.97 14.89
C ASP C 27 1.92 -2.78 15.50
N LEU C 28 2.60 -2.00 14.66
CA LEU C 28 3.25 -0.77 15.12
C LEU C 28 2.21 0.25 15.60
N LEU C 29 0.96 -0.01 15.26
CA LEU C 29 -0.14 0.88 15.63
C LEU C 29 -1.08 0.21 16.63
N ASP C 30 -0.55 -0.73 17.41
CA ASP C 30 -1.36 -1.48 18.37
C ASP C 30 -1.95 -0.58 19.47
N ASN C 31 -1.43 0.64 19.56
CA ASN C 31 -1.86 1.58 20.60
C ASN C 31 -3.19 2.30 20.31
N LEU C 32 -3.68 2.17 19.08
CA LEU C 32 -4.99 2.73 18.70
C LEU C 32 -6.12 1.96 19.38
N ASN C 33 -7.24 2.65 19.65
CA ASN C 33 -8.43 1.99 20.20
C ASN C 33 -9.35 1.42 19.11
N THR C 34 -8.87 1.44 17.86
CA THR C 34 -9.63 0.91 16.74
C THR C 34 -8.78 -0.03 15.91
N ARG C 35 -9.44 -0.87 15.12
CA ARG C 35 -8.76 -1.79 14.21
C ARG C 35 -9.47 -1.82 12.86
N LEU C 36 -8.66 -1.78 11.79
CA LEU C 36 -9.11 -2.04 10.44
C LEU C 36 -9.27 -3.53 10.23
N VAL C 37 -10.48 -3.97 9.86
CA VAL C 37 -10.75 -5.41 9.70
C VAL C 37 -11.42 -5.73 8.37
N ILE C 38 -11.26 -6.95 7.91
CA ILE C 38 -11.95 -7.42 6.71
C ILE C 38 -12.79 -8.64 7.08
N PRO C 39 -14.08 -8.59 6.77
CA PRO C 39 -14.97 -9.72 7.07
C PRO C 39 -14.82 -10.84 6.05
N LEU C 40 -14.96 -12.07 6.50
CA LEU C 40 -14.99 -13.20 5.58
C LEU C 40 -16.43 -13.64 5.45
N THR C 41 -16.80 -14.18 4.29
CA THR C 41 -18.13 -14.74 4.13
C THR C 41 -17.99 -16.14 3.52
N PRO C 42 -18.83 -17.09 3.94
CA PRO C 42 -18.72 -18.44 3.38
C PRO C 42 -18.96 -18.46 1.88
N ILE C 43 -18.10 -19.17 1.15
CA ILE C 43 -18.32 -19.38 -0.28
C ILE C 43 -19.73 -19.90 -0.56
N GLU C 44 -20.21 -20.82 0.29
CA GLU C 44 -21.54 -21.43 0.13
C GLU C 44 -22.71 -20.42 0.02
N LEU C 45 -22.56 -19.25 0.63
CA LEU C 45 -23.61 -18.23 0.63
C LEU C 45 -23.54 -17.32 -0.61
N LEU C 46 -22.40 -17.34 -1.28
CA LEU C 46 -22.21 -16.52 -2.48
C LEU C 46 -23.15 -16.96 -3.60
N ASP C 47 -23.87 -15.99 -4.17
CA ASP C 47 -24.83 -16.27 -5.24
C ASP C 47 -24.23 -15.97 -6.62
N LYS C 48 -22.93 -15.68 -6.65
CA LYS C 48 -22.21 -15.36 -7.89
C LYS C 48 -20.70 -15.32 -7.67
N LYS C 49 -19.93 -15.49 -8.75
CA LYS C 49 -18.48 -15.45 -8.66
C LYS C 49 -17.99 -14.05 -8.28
N ALA C 50 -16.97 -14.00 -7.44
CA ALA C 50 -16.42 -12.73 -6.96
C ALA C 50 -15.04 -12.52 -7.59
N PRO C 51 -14.70 -11.25 -7.91
CA PRO C 51 -13.41 -10.92 -8.54
C PRO C 51 -12.25 -11.42 -7.68
N SER C 52 -11.40 -12.29 -8.22
CA SER C 52 -10.37 -12.94 -7.40
C SER C 52 -9.23 -11.99 -7.03
N HIS C 53 -9.03 -10.96 -7.84
CA HIS C 53 -8.03 -9.95 -7.49
C HIS C 53 -8.50 -9.10 -6.31
N LEU C 54 -9.82 -9.04 -6.09
CA LEU C 54 -10.38 -8.21 -5.03
C LEU C 54 -10.75 -9.03 -3.80
N CYS C 55 -11.11 -10.29 -4.02
CA CYS C 55 -11.62 -11.13 -2.93
C CYS C 55 -10.92 -12.49 -2.83
N PRO C 56 -9.77 -12.55 -2.13
CA PRO C 56 -9.00 -13.79 -2.01
C PRO C 56 -9.84 -14.92 -1.42
N THR C 57 -9.64 -16.13 -1.92
CA THR C 57 -10.28 -17.30 -1.32
C THR C 57 -9.41 -17.84 -0.20
N ILE C 58 -10.06 -18.23 0.90
CA ILE C 58 -9.38 -18.66 2.12
C ILE C 58 -9.91 -20.03 2.54
N HIS C 59 -9.07 -21.06 2.45
CA HIS C 59 -9.45 -22.39 2.93
C HIS C 59 -8.68 -22.69 4.20
N ILE C 60 -9.40 -22.70 5.32
CA ILE C 60 -8.78 -22.91 6.62
C ILE C 60 -9.61 -23.89 7.44
N ASP C 61 -9.11 -24.23 8.64
CA ASP C 61 -9.80 -25.18 9.52
C ASP C 61 -11.23 -24.75 9.85
N GLU C 62 -11.42 -23.43 9.97
CA GLU C 62 -12.73 -22.85 10.26
C GLU C 62 -13.71 -22.98 9.09
N GLY C 63 -13.20 -23.21 7.89
CA GLY C 63 -14.04 -23.42 6.72
C GLY C 63 -13.50 -22.80 5.43
N ASP C 64 -14.40 -22.62 4.47
CA ASP C 64 -14.04 -22.11 3.14
C ASP C 64 -14.68 -20.76 2.86
N PHE C 65 -13.83 -19.73 2.77
CA PHE C 65 -14.31 -18.36 2.77
C PHE C 65 -13.76 -17.49 1.63
N ILE C 66 -14.46 -16.39 1.40
CA ILE C 66 -14.00 -15.33 0.54
C ILE C 66 -13.76 -14.11 1.44
N MET C 67 -12.62 -13.43 1.26
CA MET C 67 -12.35 -12.18 1.99
C MET C 67 -12.97 -10.98 1.26
N LEU C 68 -13.94 -10.34 1.90
CA LEU C 68 -14.62 -9.22 1.30
C LEU C 68 -13.89 -7.92 1.52
N THR C 69 -12.76 -7.78 0.83
CA THR C 69 -11.91 -6.62 0.97
C THR C 69 -12.65 -5.30 0.84
N GLN C 70 -13.59 -5.23 -0.11
CA GLN C 70 -14.33 -4.00 -0.34
C GLN C 70 -15.24 -3.63 0.82
N GLN C 71 -15.39 -4.52 1.80
CA GLN C 71 -16.21 -4.25 2.98
C GLN C 71 -15.36 -4.11 4.21
N MET C 72 -14.08 -3.81 4.02
CA MET C 72 -13.19 -3.57 5.14
C MET C 72 -13.68 -2.35 5.92
N THR C 73 -13.46 -2.35 7.23
CA THR C 73 -13.94 -1.26 8.05
C THR C 73 -13.16 -1.17 9.37
N SER C 74 -13.20 0.01 9.97
CA SER C 74 -12.59 0.25 11.26
C SER C 74 -13.62 -0.13 12.33
N VAL C 75 -13.18 -0.94 13.30
CA VAL C 75 -14.08 -1.38 14.38
C VAL C 75 -13.46 -1.12 15.75
N PRO C 76 -14.31 -0.93 16.79
CA PRO C 76 -13.78 -0.77 18.16
C PRO C 76 -12.99 -1.99 18.55
N VAL C 77 -11.85 -1.78 19.20
CA VAL C 77 -10.96 -2.87 19.55
C VAL C 77 -11.64 -3.84 20.50
N LYS C 78 -12.72 -3.39 21.14
CA LYS C 78 -13.47 -4.21 22.09
C LYS C 78 -14.13 -5.44 21.46
N ILE C 79 -14.39 -5.41 20.16
CA ILE C 79 -15.09 -6.53 19.56
C ILE C 79 -14.15 -7.64 19.10
N LEU C 80 -12.84 -7.46 19.29
CA LEU C 80 -11.88 -8.52 18.99
C LEU C 80 -11.70 -9.40 20.23
N SER C 81 -12.78 -10.02 20.66
CA SER C 81 -12.80 -10.72 21.94
C SER C 81 -12.56 -12.23 21.80
N GLU C 82 -12.74 -12.75 20.60
CA GLU C 82 -12.60 -14.18 20.39
C GLU C 82 -11.71 -14.55 19.21
N PRO C 83 -10.39 -14.42 19.39
CA PRO C 83 -9.45 -14.81 18.33
C PRO C 83 -9.39 -16.35 18.27
N VAL C 84 -9.34 -16.92 17.06
CA VAL C 84 -9.38 -18.38 16.92
C VAL C 84 -8.26 -18.95 16.04
N ASN C 85 -7.66 -18.10 15.21
CA ASN C 85 -6.68 -18.50 14.19
C ASN C 85 -5.89 -17.27 13.76
N GLU C 86 -5.02 -17.44 12.77
CA GLU C 86 -4.15 -16.37 12.30
C GLU C 86 -3.84 -16.61 10.82
N LEU C 87 -3.84 -15.56 10.00
CA LEU C 87 -3.72 -15.78 8.56
C LEU C 87 -2.47 -15.17 7.92
N SER C 88 -1.36 -15.18 8.65
CA SER C 88 -0.19 -14.44 8.22
C SER C 88 0.42 -15.01 6.93
N THR C 89 0.18 -16.30 6.66
CA THR C 89 0.67 -16.90 5.42
C THR C 89 -0.03 -16.34 4.19
N PHE C 90 -1.14 -15.63 4.40
CA PHE C 90 -1.92 -15.01 3.32
C PHE C 90 -1.59 -13.54 3.17
N ARG C 91 -0.53 -13.10 3.84
CA ARG C 91 -0.16 -11.69 3.85
C ARG C 91 -0.05 -11.07 2.45
N ASN C 92 0.73 -11.68 1.56
CA ASN C 92 0.83 -11.17 0.19
C ASN C 92 -0.52 -11.06 -0.54
N GLU C 93 -1.34 -12.10 -0.45
CA GLU C 93 -2.66 -12.11 -1.09
C GLU C 93 -3.58 -11.02 -0.52
N ILE C 94 -3.51 -10.80 0.79
CA ILE C 94 -4.36 -9.80 1.44
C ILE C 94 -3.89 -8.39 1.11
N ILE C 95 -2.59 -8.15 1.19
CA ILE C 95 -2.04 -6.85 0.82
C ILE C 95 -2.29 -6.54 -0.67
N ALA C 96 -2.15 -7.53 -1.56
CA ALA C 96 -2.45 -7.26 -2.98
C ALA C 96 -3.95 -6.95 -3.20
N ALA C 97 -4.83 -7.65 -2.48
CA ALA C 97 -6.27 -7.39 -2.60
C ALA C 97 -6.60 -5.96 -2.18
N ILE C 98 -6.02 -5.52 -1.07
CA ILE C 98 -6.17 -4.14 -0.66
C ILE C 98 -5.62 -3.14 -1.68
N ASP C 99 -4.41 -3.39 -2.19
CA ASP C 99 -3.84 -2.55 -3.25
C ASP C 99 -4.79 -2.45 -4.46
N PHE C 100 -5.42 -3.57 -4.80
CA PHE C 100 -6.30 -3.64 -5.96
C PHE C 100 -7.55 -2.77 -5.72
N LEU C 101 -8.00 -2.71 -4.47
CA LEU C 101 -9.19 -1.93 -4.12
C LEU C 101 -8.88 -0.46 -4.31
N ILE C 102 -7.66 -0.07 -3.94
CA ILE C 102 -7.25 1.33 -3.91
C ILE C 102 -6.43 1.81 -5.10
N THR C 103 -5.19 1.31 -5.22
CA THR C 103 -4.29 1.79 -6.28
C THR C 103 -4.68 1.30 -7.67
N GLY C 104 -5.62 0.36 -7.74
CA GLY C 104 -6.18 -0.05 -9.01
C GLY C 104 -5.53 -1.26 -9.72
N ILE C 105 -4.20 -1.33 -9.68
CA ILE C 105 -3.48 -2.32 -10.47
C ILE C 105 -3.64 -3.73 -9.92
N SER D 2 -16.20 8.90 -6.53
CA SER D 2 -15.09 8.98 -7.48
C SER D 2 -13.80 9.25 -6.72
N GLN D 3 -12.70 8.64 -7.15
CA GLN D 3 -11.51 8.60 -6.31
C GLN D 3 -10.92 9.98 -6.03
N PHE D 4 -10.72 10.27 -4.74
CA PHE D 4 -10.16 11.51 -4.23
C PHE D 4 -11.17 12.67 -4.21
N THR D 5 -12.39 12.40 -4.62
CA THR D 5 -13.47 13.37 -4.47
C THR D 5 -13.88 13.50 -3.00
N LEU D 6 -14.06 14.74 -2.56
CA LEU D 6 -14.46 15.08 -1.19
C LEU D 6 -15.99 15.24 -1.16
N TYR D 7 -16.62 14.62 -0.17
CA TYR D 7 -18.09 14.60 -0.08
C TYR D 7 -18.56 15.15 1.25
N LYS D 8 -19.69 15.85 1.23
CA LYS D 8 -20.27 16.39 2.46
C LYS D 8 -21.02 15.29 3.18
N ASN D 9 -20.78 15.17 4.48
CA ASN D 9 -21.46 14.18 5.29
C ASN D 9 -22.89 14.66 5.56
N LYS D 10 -23.87 13.94 5.03
CA LYS D 10 -25.26 14.36 5.13
C LYS D 10 -25.94 13.93 6.43
N ASP D 11 -25.25 13.14 7.24
CA ASP D 11 -25.81 12.71 8.53
C ASP D 11 -25.59 13.79 9.58
N LYS D 12 -26.68 14.38 10.05
CA LYS D 12 -26.64 15.45 11.05
C LYS D 12 -25.95 15.00 12.33
N SER D 13 -26.17 13.74 12.69
CA SER D 13 -25.56 13.15 13.87
C SER D 13 -24.03 13.21 13.87
N SER D 14 -23.43 12.85 12.74
CA SER D 14 -21.98 12.74 12.65
C SER D 14 -21.29 13.92 11.96
N ALA D 15 -22.08 14.90 11.53
CA ALA D 15 -21.54 15.98 10.73
C ALA D 15 -20.57 16.91 11.50
N LYS D 16 -20.76 17.02 12.81
CA LYS D 16 -19.94 17.94 13.61
C LYS D 16 -18.48 17.53 13.72
N THR D 17 -18.23 16.27 14.05
CA THR D 17 -16.85 15.78 14.16
C THR D 17 -16.32 15.27 12.83
N TYR D 18 -17.22 14.88 11.92
CA TYR D 18 -16.83 14.43 10.58
C TYR D 18 -17.58 15.18 9.46
N PRO D 19 -17.24 16.45 9.21
CA PRO D 19 -17.94 17.24 8.20
C PRO D 19 -17.86 16.64 6.79
N TYR D 20 -16.70 16.09 6.44
CA TYR D 20 -16.48 15.62 5.08
C TYR D 20 -15.80 14.26 5.07
N PHE D 21 -15.90 13.56 3.95
CA PHE D 21 -15.16 12.30 3.76
C PHE D 21 -14.60 12.21 2.34
N VAL D 22 -13.49 11.52 2.20
CA VAL D 22 -12.88 11.38 0.88
C VAL D 22 -13.02 9.96 0.36
N ASP D 23 -13.44 9.82 -0.89
CA ASP D 23 -13.50 8.52 -1.56
C ASP D 23 -12.09 8.10 -1.99
N VAL D 24 -11.63 6.92 -1.56
CA VAL D 24 -10.27 6.49 -1.89
C VAL D 24 -10.22 5.21 -2.73
N GLN D 25 -11.41 4.75 -3.13
CA GLN D 25 -11.56 3.52 -3.89
C GLN D 25 -11.27 3.72 -5.37
N SER D 26 -10.57 2.76 -5.99
CA SER D 26 -10.32 2.83 -7.43
C SER D 26 -11.59 2.97 -8.26
N ASP D 27 -11.56 3.90 -9.22
CA ASP D 27 -12.68 4.11 -10.15
C ASP D 27 -12.97 2.88 -11.00
N LEU D 28 -11.96 2.03 -11.20
CA LEU D 28 -12.18 0.76 -11.89
C LEU D 28 -13.17 -0.15 -11.18
N LEU D 29 -13.40 0.10 -9.89
CA LEU D 29 -14.35 -0.72 -9.14
C LEU D 29 -15.68 0.00 -8.86
N ASP D 30 -16.04 0.96 -9.70
CA ASP D 30 -17.22 1.79 -9.40
C ASP D 30 -18.60 1.12 -9.66
N ASN D 31 -18.60 -0.10 -10.16
CA ASN D 31 -19.85 -0.88 -10.20
C ASN D 31 -20.15 -1.58 -8.86
N LEU D 32 -19.19 -1.55 -7.93
CA LEU D 32 -19.48 -1.99 -6.56
C LEU D 32 -20.49 -1.02 -5.99
N ASN D 33 -21.42 -1.51 -5.17
CA ASN D 33 -22.36 -0.56 -4.54
C ASN D 33 -21.89 -0.04 -3.19
N THR D 34 -20.61 -0.25 -2.89
CA THR D 34 -19.98 0.30 -1.69
C THR D 34 -18.76 1.14 -2.05
N ARG D 35 -18.32 1.99 -1.12
CA ARG D 35 -17.19 2.87 -1.33
C ARG D 35 -16.32 2.88 -0.08
N LEU D 36 -15.02 2.69 -0.27
CA LEU D 36 -14.12 2.84 0.84
C LEU D 36 -13.83 4.33 1.00
N VAL D 37 -14.16 4.90 2.16
CA VAL D 37 -13.97 6.35 2.35
C VAL D 37 -13.20 6.62 3.63
N ILE D 38 -12.61 7.82 3.73
CA ILE D 38 -11.91 8.26 4.94
C ILE D 38 -12.51 9.57 5.44
N PRO D 39 -12.89 9.59 6.73
CA PRO D 39 -13.48 10.79 7.35
C PRO D 39 -12.45 11.90 7.52
N LEU D 40 -12.89 13.14 7.40
CA LEU D 40 -12.08 14.30 7.76
C LEU D 40 -12.65 14.91 9.05
N THR D 41 -11.77 15.32 9.95
CA THR D 41 -12.22 15.97 11.16
C THR D 41 -11.56 17.34 11.24
N PRO D 42 -12.31 18.35 11.70
CA PRO D 42 -11.73 19.69 11.80
C PRO D 42 -10.62 19.71 12.84
N ILE D 43 -9.50 20.34 12.49
CA ILE D 43 -8.35 20.43 13.39
C ILE D 43 -8.74 21.12 14.71
N GLU D 44 -9.71 22.02 14.64
CA GLU D 44 -10.19 22.72 15.83
C GLU D 44 -10.85 21.80 16.86
N LEU D 45 -11.38 20.66 16.42
CA LEU D 45 -12.07 19.75 17.32
C LEU D 45 -11.13 18.69 17.86
N LEU D 46 -9.87 19.08 18.05
CA LEU D 46 -8.84 18.17 18.55
C LEU D 46 -8.29 18.64 19.89
N LYS D 49 -2.29 16.50 19.25
CA LYS D 49 -1.50 16.25 18.05
C LYS D 49 -1.85 14.89 17.46
N ALA D 50 -1.80 14.82 16.13
CA ALA D 50 -2.12 13.58 15.40
C ALA D 50 -0.82 12.90 14.96
N PRO D 51 -0.82 11.55 14.91
CA PRO D 51 0.35 10.70 14.56
C PRO D 51 1.16 11.12 13.33
N SER D 52 0.69 12.15 12.60
CA SER D 52 1.44 12.82 11.54
C SER D 52 1.57 12.01 10.24
N HIS D 53 2.18 10.83 10.34
CA HIS D 53 2.35 9.98 9.16
C HIS D 53 1.09 9.16 8.88
N LEU D 54 0.24 9.03 9.90
CA LEU D 54 -1.02 8.31 9.78
C LEU D 54 -2.15 9.25 9.38
N CYS D 55 -2.14 10.45 9.94
CA CYS D 55 -3.27 11.39 9.82
C CYS D 55 -2.88 12.71 9.14
N PRO D 56 -2.79 12.70 7.79
CA PRO D 56 -2.32 13.86 7.02
C PRO D 56 -3.16 15.11 7.27
N THR D 57 -2.52 16.28 7.29
CA THR D 57 -3.24 17.51 7.50
C THR D 57 -3.63 18.13 6.15
N ILE D 58 -4.92 18.45 6.03
CA ILE D 58 -5.47 18.88 4.76
C ILE D 58 -5.82 20.36 4.81
N HIS D 59 -5.06 21.16 4.08
CA HIS D 59 -5.39 22.58 3.97
C HIS D 59 -6.14 22.82 2.67
N ILE D 60 -7.42 23.15 2.78
CA ILE D 60 -8.27 23.38 1.62
C ILE D 60 -9.23 24.56 1.83
N ASP D 61 -10.00 24.88 0.80
CA ASP D 61 -10.94 26.00 0.84
C ASP D 61 -11.99 25.83 1.94
N GLU D 62 -12.28 24.58 2.29
CA GLU D 62 -13.28 24.30 3.30
C GLU D 62 -12.67 24.45 4.68
N GLY D 63 -11.35 24.54 4.72
CA GLY D 63 -10.65 24.76 5.97
C GLY D 63 -9.54 23.77 6.25
N ASP D 64 -9.17 23.66 7.52
CA ASP D 64 -8.04 22.86 7.95
C ASP D 64 -8.51 21.60 8.63
N PHE D 65 -8.15 20.46 8.05
CA PHE D 65 -8.67 19.19 8.52
C PHE D 65 -7.57 18.19 8.76
N ILE D 66 -7.92 17.18 9.53
CA ILE D 66 -7.07 16.03 9.72
C ILE D 66 -7.84 14.88 9.11
N MET D 67 -7.15 14.10 8.30
CA MET D 67 -7.75 12.94 7.67
C MET D 67 -7.56 11.72 8.57
N LEU D 68 -8.64 11.24 9.15
CA LEU D 68 -8.57 10.13 10.10
C LEU D 68 -8.52 8.78 9.40
N THR D 69 -7.34 8.46 8.87
CA THR D 69 -7.10 7.23 8.12
C THR D 69 -7.55 5.98 8.90
N GLN D 70 -7.32 5.98 10.21
CA GLN D 70 -7.63 4.82 11.04
C GLN D 70 -9.13 4.56 11.17
N GLN D 71 -9.94 5.53 10.75
CA GLN D 71 -11.40 5.38 10.78
C GLN D 71 -11.96 5.12 9.38
N MET D 72 -11.06 4.79 8.45
CA MET D 72 -11.42 4.34 7.11
C MET D 72 -12.48 3.27 7.19
N THR D 73 -13.45 3.31 6.29
CA THR D 73 -14.56 2.36 6.33
C THR D 73 -15.33 2.34 5.01
N SER D 74 -15.92 1.20 4.71
CA SER D 74 -16.74 1.09 3.51
CA SER D 74 -16.74 1.05 3.52
C SER D 74 -18.14 1.53 3.85
N VAL D 75 -18.74 2.29 2.93
CA VAL D 75 -20.10 2.83 3.07
C VAL D 75 -20.92 2.54 1.81
N PRO D 76 -22.27 2.54 1.93
CA PRO D 76 -23.13 2.48 0.75
C PRO D 76 -22.84 3.65 -0.20
N VAL D 77 -22.91 3.41 -1.50
CA VAL D 77 -22.58 4.45 -2.46
C VAL D 77 -23.63 5.58 -2.39
N LYS D 78 -24.81 5.26 -1.88
CA LYS D 78 -25.88 6.24 -1.80
C LYS D 78 -25.54 7.45 -0.94
N ILE D 79 -24.67 7.29 0.05
CA ILE D 79 -24.30 8.44 0.88
C ILE D 79 -23.32 9.42 0.18
N LEU D 80 -22.92 9.12 -1.05
CA LEU D 80 -22.05 10.05 -1.80
C LEU D 80 -22.86 11.07 -2.61
N SER D 81 -24.06 11.37 -2.15
CA SER D 81 -24.98 12.22 -2.90
C SER D 81 -24.51 13.68 -3.06
N GLU D 82 -23.54 14.10 -2.26
CA GLU D 82 -23.17 15.52 -2.21
C GLU D 82 -21.66 15.80 -2.35
N PRO D 83 -21.13 15.65 -3.58
CA PRO D 83 -19.72 16.02 -3.84
C PRO D 83 -19.51 17.54 -3.74
N VAL D 84 -18.39 17.97 -3.15
CA VAL D 84 -18.12 19.40 -2.95
C VAL D 84 -16.73 19.88 -3.39
N ASN D 85 -15.76 18.98 -3.45
CA ASN D 85 -14.39 19.32 -3.81
C ASN D 85 -13.63 18.06 -4.23
N GLU D 86 -12.33 18.19 -4.49
CA GLU D 86 -11.48 17.03 -4.77
C GLU D 86 -10.05 17.18 -4.24
N LEU D 87 -9.40 16.06 -3.95
CA LEU D 87 -8.13 16.05 -3.22
C LEU D 87 -7.02 15.34 -4.00
N SER D 88 -7.15 15.32 -5.32
CA SER D 88 -6.22 14.61 -6.20
C SER D 88 -4.75 14.99 -6.00
N THR D 89 -4.47 16.26 -5.75
CA THR D 89 -3.10 16.65 -5.46
C THR D 89 -2.59 16.12 -4.11
N PHE D 90 -3.45 15.45 -3.33
CA PHE D 90 -3.01 14.82 -2.09
C PHE D 90 -2.84 13.31 -2.28
N ARG D 91 -2.89 12.86 -3.52
CA ARG D 91 -2.88 11.42 -3.81
C ARG D 91 -1.77 10.68 -3.06
N ASN D 92 -0.54 11.16 -3.22
CA ASN D 92 0.61 10.54 -2.57
C ASN D 92 0.52 10.52 -1.04
N GLU D 93 0.18 11.65 -0.43
CA GLU D 93 0.01 11.74 1.02
C GLU D 93 -1.08 10.77 1.53
N ILE D 94 -2.12 10.56 0.74
CA ILE D 94 -3.24 9.71 1.14
C ILE D 94 -2.86 8.24 1.03
N ILE D 95 -2.30 7.88 -0.12
CA ILE D 95 -1.83 6.52 -0.33
C ILE D 95 -0.73 6.14 0.69
N ALA D 96 0.19 7.07 0.97
CA ALA D 96 1.20 6.82 2.01
C ALA D 96 0.60 6.60 3.41
N ALA D 97 -0.39 7.41 3.78
CA ALA D 97 -1.05 7.23 5.09
C ALA D 97 -1.72 5.86 5.19
N ILE D 98 -2.39 5.46 4.11
CA ILE D 98 -3.03 4.15 4.06
C ILE D 98 -2.01 3.03 4.19
N ASP D 99 -0.87 3.19 3.50
CA ASP D 99 0.22 2.23 3.62
C ASP D 99 0.73 2.15 5.06
N PHE D 100 0.85 3.31 5.70
CA PHE D 100 1.32 3.39 7.09
C PHE D 100 0.41 2.58 8.03
N LEU D 101 -0.90 2.68 7.82
CA LEU D 101 -1.89 1.94 8.60
C LEU D 101 -1.73 0.43 8.41
N ILE D 102 -1.39 0.01 7.19
CA ILE D 102 -1.40 -1.41 6.84
C ILE D 102 -0.03 -2.10 6.77
N THR D 103 0.95 -1.48 6.12
CA THR D 103 2.27 -2.12 6.05
C THR D 103 3.24 -1.68 7.15
N GLY D 104 2.99 -0.52 7.74
CA GLY D 104 3.92 0.06 8.69
C GLY D 104 5.17 0.64 8.04
N ILE D 105 5.16 0.72 6.70
CA ILE D 105 6.31 1.17 5.90
C ILE D 105 6.50 2.70 5.90
C1 GOL E . 17.40 -2.74 14.18
O1 GOL E . 17.85 -3.84 14.93
C2 GOL E . 17.31 -1.44 14.97
O2 GOL E . 18.56 -1.04 15.49
C3 GOL E . 16.23 -1.58 16.03
O3 GOL E . 16.05 -0.42 16.80
#